data_4A6S
#
_entry.id   4A6S
#
_cell.length_a   54.334
_cell.length_b   54.334
_cell.length_c   390.501
_cell.angle_alpha   90.00
_cell.angle_beta   90.00
_cell.angle_gamma   120.00
#
_symmetry.space_group_name_H-M   'P 32 2 1'
#
loop_
_entity.id
_entity.type
_entity.pdbx_description
1 polymer 'PA-I GALACTOPHILIC LECTIN'
2 non-polymer 'CALCIUM ION'
3 non-polymer 'naphthalen-2-yl 1-thio-beta-D-galactopyranoside'
4 water water
#
_entity_poly.entity_id   1
_entity_poly.type   'polypeptide(L)'
_entity_poly.pdbx_seq_one_letter_code
;AWKGEVLANNEAGQVTSIIYNPGDVITIVAAGWASYGPTQKWGPQGDREHPDQGLICHDAFCGALVMKIGNSGTIPVNTG
LFRWVAPNNVQGAITLIYNDVPGTYGNNSGSFSVNIGKDQS
;
_entity_poly.pdbx_strand_id   A,B,C,D
#
# COMPACT_ATOMS: atom_id res chain seq x y z
N ALA A 1 -2.84 3.93 10.57
CA ALA A 1 -3.32 5.22 10.09
C ALA A 1 -3.85 5.96 11.31
N TRP A 2 -4.06 7.26 11.16
CA TRP A 2 -4.65 8.09 12.19
C TRP A 2 -5.64 8.94 11.44
N LYS A 3 -6.84 9.09 12.03
CA LYS A 3 -7.84 10.04 11.60
C LYS A 3 -8.31 10.86 12.83
N GLY A 4 -8.56 12.17 12.65
CA GLY A 4 -8.96 13.02 13.79
C GLY A 4 -9.23 14.45 13.36
N GLU A 5 -9.72 15.28 14.28
CA GLU A 5 -9.93 16.70 14.03
C GLU A 5 -8.77 17.52 14.53
N VAL A 6 -8.48 18.59 13.81
CA VAL A 6 -7.46 19.55 14.23
C VAL A 6 -8.21 20.86 14.46
N LEU A 7 -8.32 21.31 15.70
CA LEU A 7 -9.13 22.45 16.00
C LEU A 7 -8.37 23.71 15.73
N ALA A 8 -9.07 24.68 15.12
CA ALA A 8 -8.45 25.92 14.72
C ALA A 8 -8.01 26.71 15.91
N ASN A 9 -8.67 26.58 17.04
CA ASN A 9 -8.26 27.36 18.20
C ASN A 9 -7.20 26.64 19.08
N ASN A 10 -6.63 25.54 18.57
CA ASN A 10 -5.69 24.71 19.33
C ASN A 10 -4.28 25.18 18.95
N GLU A 11 -3.79 26.16 19.69
CA GLU A 11 -2.51 26.74 19.38
C GLU A 11 -1.40 25.67 19.55
N ALA A 12 -1.52 24.77 20.55
CA ALA A 12 -0.53 23.70 20.73
C ALA A 12 -0.55 22.65 19.64
N GLY A 13 -1.58 22.60 18.80
CA GLY A 13 -1.61 21.62 17.71
C GLY A 13 -2.07 20.25 18.22
N GLN A 14 -2.53 19.40 17.31
CA GLN A 14 -3.12 18.11 17.62
C GLN A 14 -2.04 17.08 17.37
N VAL A 15 -1.61 16.40 18.43
CA VAL A 15 -0.64 15.32 18.30
C VAL A 15 -1.37 14.13 17.69
N THR A 16 -0.76 13.48 16.70
CA THR A 16 -1.35 12.28 16.07
C THR A 16 -0.63 11.00 16.58
N SER A 17 -1.06 9.83 16.10
CA SER A 17 -0.42 8.53 16.28
C SER A 17 0.80 8.39 15.43
N ILE A 18 0.93 9.15 14.36
CA ILE A 18 1.95 8.79 13.41
C ILE A 18 3.33 9.20 13.91
N ILE A 19 4.29 8.29 13.89
CA ILE A 19 5.66 8.68 14.19
C ILE A 19 6.32 8.57 12.85
N TYR A 20 6.86 9.66 12.32
CA TYR A 20 7.50 9.55 11.00
C TYR A 20 8.88 8.96 11.22
N ASN A 21 9.23 7.90 10.52
CA ASN A 21 10.54 7.28 10.67
C ASN A 21 11.28 7.47 9.34
N PRO A 22 12.64 7.57 9.35
CA PRO A 22 13.40 7.70 8.10
C PRO A 22 12.90 6.72 7.01
N GLY A 23 12.74 7.20 5.79
CA GLY A 23 12.26 6.34 4.70
C GLY A 23 10.75 6.14 4.66
N ASP A 24 9.99 6.63 5.64
CA ASP A 24 8.53 6.48 5.53
C ASP A 24 7.98 7.21 4.30
N VAL A 25 6.94 6.65 3.71
CA VAL A 25 6.21 7.38 2.66
C VAL A 25 4.84 7.64 3.25
N ILE A 26 4.42 8.89 3.33
CA ILE A 26 3.10 9.13 3.98
C ILE A 26 2.12 9.85 3.08
N THR A 27 0.83 9.60 3.33
CA THR A 27 -0.19 10.39 2.71
C THR A 27 -1.13 11.02 3.72
N ILE A 28 -1.31 12.33 3.59
CA ILE A 28 -2.32 13.08 4.32
C ILE A 28 -3.40 13.70 3.43
N VAL A 29 -4.65 13.60 3.87
CA VAL A 29 -5.77 14.31 3.23
C VAL A 29 -6.50 15.11 4.33
N ALA A 30 -6.73 16.39 4.05
CA ALA A 30 -7.35 17.34 4.99
C ALA A 30 -8.57 17.92 4.35
N ALA A 31 -9.70 17.91 5.05
CA ALA A 31 -10.97 18.50 4.59
C ALA A 31 -11.59 19.44 5.66
N GLY A 32 -12.52 20.31 5.21
CA GLY A 32 -13.34 21.16 6.12
C GLY A 32 -13.09 22.65 6.16
N TRP A 33 -13.73 23.31 7.13
CA TRP A 33 -13.76 24.77 7.24
C TRP A 33 -13.42 25.31 8.60
N ALA A 34 -12.61 26.36 8.62
CA ALA A 34 -12.15 26.93 9.89
C ALA A 34 -11.92 28.39 9.63
N SER A 35 -11.78 29.16 10.70
CA SER A 35 -11.51 30.58 10.60
C SER A 35 -10.50 31.00 11.67
N TYR A 36 -9.55 31.84 11.25
CA TYR A 36 -8.70 32.53 12.18
C TYR A 36 -9.37 33.76 12.88
N GLY A 37 -10.71 33.85 12.85
CA GLY A 37 -11.41 34.95 13.58
C GLY A 37 -12.60 35.57 12.84
N PRO A 38 -12.35 36.11 11.64
CA PRO A 38 -13.39 36.58 10.76
C PRO A 38 -14.54 35.61 10.62
N THR A 39 -15.68 36.16 10.19
CA THR A 39 -16.92 35.43 9.95
C THR A 39 -16.82 34.41 8.81
N GLN A 40 -16.07 34.74 7.78
CA GLN A 40 -15.93 33.82 6.68
C GLN A 40 -15.11 32.60 7.23
N LYS A 41 -15.17 31.47 6.51
CA LYS A 41 -14.33 30.30 6.76
C LYS A 41 -13.59 29.94 5.51
N TRP A 42 -12.44 29.32 5.72
CA TRP A 42 -11.53 28.87 4.65
C TRP A 42 -11.18 27.42 4.84
N GLY A 43 -10.86 26.75 3.74
CA GLY A 43 -10.35 25.35 3.80
C GLY A 43 -8.89 25.22 4.26
N PRO A 44 -8.39 23.97 4.32
CA PRO A 44 -7.03 23.65 4.68
C PRO A 44 -5.92 24.49 3.99
N GLN A 45 -6.18 25.04 2.80
CA GLN A 45 -5.24 25.96 2.14
C GLN A 45 -5.09 27.34 2.86
N GLY A 46 -5.96 27.67 3.83
CA GLY A 46 -6.01 29.03 4.41
C GLY A 46 -6.61 30.12 3.45
N ASP A 47 -6.28 31.37 3.79
CA ASP A 47 -6.74 32.56 3.12
C ASP A 47 -5.66 33.28 2.31
N ARG A 48 -5.73 33.11 1.00
CA ARG A 48 -4.67 33.50 0.15
C ARG A 48 -4.60 35.01 0.13
N GLU A 49 -5.60 35.67 0.71
CA GLU A 49 -5.60 37.12 0.65
C GLU A 49 -5.07 37.75 1.91
N HIS A 50 -4.97 36.99 2.98
CA HIS A 50 -4.55 37.58 4.27
C HIS A 50 -3.05 37.64 4.42
N PRO A 51 -2.49 38.81 4.81
CA PRO A 51 -1.03 38.97 4.86
C PRO A 51 -0.50 38.18 6.03
N ASP A 52 0.81 37.89 6.00
CA ASP A 52 1.48 37.12 7.04
C ASP A 52 1.94 38.11 8.13
N GLN A 53 1.28 38.09 9.27
CA GLN A 53 1.60 39.05 10.34
C GLN A 53 2.39 38.39 11.50
N GLY A 54 3.28 37.47 11.11
CA GLY A 54 4.02 36.60 12.06
C GLY A 54 3.37 35.25 12.34
N LEU A 55 3.09 34.51 11.27
CA LEU A 55 2.45 33.19 11.38
C LEU A 55 3.52 32.13 11.73
N ILE A 56 3.10 31.10 12.47
CA ILE A 56 3.97 29.96 12.82
C ILE A 56 4.55 29.26 11.60
N CYS A 57 3.99 29.49 10.43
CA CYS A 57 4.55 28.96 9.21
C CYS A 57 4.45 30.06 8.19
N HIS A 58 5.60 30.52 7.70
CA HIS A 58 5.63 31.59 6.73
C HIS A 58 5.48 31.07 5.33
N ASP A 59 5.41 29.76 5.16
CA ASP A 59 5.35 29.19 3.83
C ASP A 59 3.94 28.70 3.54
N ALA A 60 3.01 29.03 4.41
CA ALA A 60 1.60 28.75 4.10
C ALA A 60 0.76 29.96 4.53
N PHE A 61 -0.43 30.10 3.94
CA PHE A 61 -1.38 31.17 4.32
C PHE A 61 -1.89 31.05 5.75
N CYS A 62 -2.21 32.21 6.33
CA CYS A 62 -2.99 32.26 7.55
C CYS A 62 -4.22 31.35 7.38
N GLY A 63 -4.53 30.53 8.37
CA GLY A 63 -5.63 29.58 8.20
C GLY A 63 -5.34 28.28 7.44
N ALA A 64 -4.12 28.06 6.97
CA ALA A 64 -3.80 26.76 6.35
C ALA A 64 -3.50 25.65 7.39
N LEU A 65 -3.66 24.37 7.00
CA LEU A 65 -3.10 23.28 7.86
C LEU A 65 -1.58 23.12 7.67
N VAL A 66 -0.82 23.12 8.76
CA VAL A 66 0.62 22.80 8.71
C VAL A 66 0.95 21.68 9.74
N MET A 67 2.20 21.21 9.74
CA MET A 67 2.58 20.23 10.72
C MET A 67 3.98 20.44 11.19
N LYS A 68 4.27 19.75 12.29
CA LYS A 68 5.60 19.63 12.84
CA LYS A 68 5.61 19.63 12.83
C LYS A 68 5.89 18.14 12.99
N ILE A 69 7.02 17.71 12.47
CA ILE A 69 7.39 16.30 12.62
C ILE A 69 8.54 16.29 13.61
N GLY A 70 8.34 15.65 14.75
CA GLY A 70 9.33 15.67 15.82
C GLY A 70 9.66 17.11 16.13
N ASN A 71 10.96 17.38 16.15
CA ASN A 71 11.52 18.70 16.39
C ASN A 71 11.69 19.60 15.16
N SER A 72 10.98 19.32 14.07
CA SER A 72 11.16 20.12 12.90
C SER A 72 10.52 21.50 13.08
N GLY A 73 10.89 22.45 12.24
CA GLY A 73 10.08 23.66 12.09
C GLY A 73 8.75 23.26 11.45
N THR A 74 7.81 24.19 11.32
CA THR A 74 6.50 23.84 10.74
C THR A 74 6.65 23.56 9.25
N ILE A 75 5.86 22.61 8.76
CA ILE A 75 5.88 22.27 7.36
C ILE A 75 4.46 22.39 6.80
N PRO A 76 4.30 23.01 5.61
CA PRO A 76 2.93 23.11 5.05
C PRO A 76 2.33 21.76 4.75
N VAL A 77 1.11 21.54 5.21
CA VAL A 77 0.25 20.45 4.72
C VAL A 77 -0.80 20.95 3.70
N ASN A 78 -1.51 22.04 4.03
CA ASN A 78 -2.56 22.54 3.15
C ASN A 78 -3.59 21.42 2.98
N THR A 79 -4.08 21.16 1.75
CA THR A 79 -5.06 20.11 1.50
C THR A 79 -4.55 18.67 1.75
N GLY A 80 -3.23 18.52 1.76
CA GLY A 80 -2.60 17.25 2.04
C GLY A 80 -1.34 17.00 1.25
N LEU A 81 -0.85 15.77 1.33
CA LEU A 81 0.47 15.40 0.84
C LEU A 81 0.32 14.02 0.30
N PHE A 82 0.69 13.85 -0.97
CA PHE A 82 0.57 12.57 -1.65
C PHE A 82 1.88 11.72 -1.72
N ARG A 83 1.89 10.57 -1.04
CA ARG A 83 3.08 9.67 -1.03
C ARG A 83 4.34 10.49 -0.87
N TRP A 84 4.43 11.13 0.28
CA TRP A 84 5.39 12.16 0.55
C TRP A 84 6.46 11.65 1.49
N VAL A 85 7.69 12.10 1.26
CA VAL A 85 8.89 11.70 2.00
C VAL A 85 9.47 12.96 2.63
N ALA A 86 9.81 12.88 3.93
CA ALA A 86 10.33 14.04 4.66
C ALA A 86 11.73 14.35 4.22
N PRO A 87 12.20 15.59 4.49
CA PRO A 87 13.54 16.00 4.14
C PRO A 87 14.54 15.26 4.99
N ASN A 88 15.78 15.27 4.53
CA ASN A 88 16.80 14.56 5.24
C ASN A 88 16.79 14.89 6.75
N ASN A 89 16.92 13.87 7.59
CA ASN A 89 16.99 14.10 9.04
C ASN A 89 15.70 14.49 9.75
N VAL A 90 14.59 14.56 9.05
CA VAL A 90 13.33 14.88 9.70
C VAL A 90 12.59 13.62 10.12
N GLN A 91 12.28 13.51 11.40
CA GLN A 91 11.65 12.32 11.97
C GLN A 91 11.00 12.64 13.31
N GLY A 92 10.04 11.84 13.72
CA GLY A 92 9.39 12.02 15.01
C GLY A 92 7.89 12.11 14.86
N ALA A 93 7.18 12.20 15.99
CA ALA A 93 5.73 12.34 16.04
C ALA A 93 5.26 13.53 15.19
N ILE A 94 4.21 13.29 14.43
CA ILE A 94 3.57 14.33 13.68
C ILE A 94 2.53 15.09 14.50
N THR A 95 2.75 16.40 14.64
CA THR A 95 1.76 17.28 15.26
C THR A 95 1.15 18.11 14.20
N LEU A 96 -0.20 18.12 14.15
CA LEU A 96 -0.96 18.94 13.18
C LEU A 96 -1.32 20.29 13.78
N ILE A 97 -1.14 21.36 13.02
CA ILE A 97 -1.47 22.68 13.56
C ILE A 97 -2.17 23.60 12.56
N TYR A 98 -3.16 24.34 13.07
CA TYR A 98 -3.78 25.49 12.36
C TYR A 98 -2.77 26.65 12.28
N ASN A 99 -2.55 27.18 11.08
CA ASN A 99 -1.58 28.27 10.91
C ASN A 99 -2.26 29.59 11.35
N ASP A 100 -1.78 30.17 12.46
CA ASP A 100 -2.24 31.50 12.88
C ASP A 100 -1.04 32.18 13.55
N VAL A 101 -1.19 33.42 14.03
CA VAL A 101 -0.14 34.17 14.73
C VAL A 101 -0.14 33.75 16.20
N PRO A 102 1.06 33.46 16.77
CA PRO A 102 1.08 33.08 18.19
C PRO A 102 0.30 34.05 19.04
N GLY A 103 -0.50 33.46 19.95
CA GLY A 103 -1.37 34.17 20.90
C GLY A 103 -2.66 34.74 20.26
N THR A 104 -2.99 34.40 19.02
CA THR A 104 -4.19 35.04 18.49
C THR A 104 -5.21 34.00 18.09
N TYR A 105 -5.07 32.88 18.80
CA TYR A 105 -5.70 31.62 18.48
C TYR A 105 -7.05 31.50 19.13
N GLY A 106 -7.26 32.30 20.17
CA GLY A 106 -8.46 32.24 20.99
C GLY A 106 -9.72 32.64 20.26
N ASN A 107 -9.63 33.48 19.24
CA ASN A 107 -10.83 33.83 18.50
C ASN A 107 -11.01 32.94 17.29
N ASN A 108 -10.28 31.82 17.23
CA ASN A 108 -10.43 30.90 16.09
C ASN A 108 -11.63 30.00 16.27
N SER A 109 -12.15 29.47 15.17
CA SER A 109 -13.30 28.54 15.21
C SER A 109 -13.22 27.48 14.10
N GLY A 110 -13.95 26.38 14.29
CA GLY A 110 -14.07 25.30 13.33
C GLY A 110 -12.82 24.42 13.37
N SER A 111 -12.71 23.50 12.41
CA SER A 111 -11.67 22.50 12.47
C SER A 111 -11.44 21.83 11.11
N PHE A 112 -10.33 21.09 11.01
CA PHE A 112 -10.16 20.18 9.86
C PHE A 112 -10.17 18.71 10.23
N SER A 113 -10.80 17.93 9.37
CA SER A 113 -10.76 16.52 9.47
C SER A 113 -9.51 16.09 8.74
N VAL A 114 -8.61 15.37 9.39
CA VAL A 114 -7.41 14.96 8.69
C VAL A 114 -7.23 13.44 8.80
N ASN A 115 -6.94 12.81 7.65
CA ASN A 115 -6.44 11.42 7.62
C ASN A 115 -4.94 11.36 7.30
N ILE A 116 -4.17 10.61 8.11
CA ILE A 116 -2.78 10.27 7.82
C ILE A 116 -2.60 8.73 7.76
N GLY A 117 -1.90 8.28 6.73
CA GLY A 117 -1.65 6.82 6.47
C GLY A 117 -0.21 6.65 6.03
N LYS A 118 0.43 5.54 6.43
CA LYS A 118 1.77 5.27 5.88
C LYS A 118 1.60 4.55 4.57
N ASP A 119 2.37 4.90 3.55
CA ASP A 119 2.23 4.21 2.25
C ASP A 119 3.24 3.07 2.11
N GLN A 120 2.99 2.13 1.22
CA GLN A 120 3.95 1.14 0.81
C GLN A 120 5.28 1.83 0.45
N SER A 121 6.41 1.27 0.85
CA SER A 121 7.73 1.66 0.32
C SER A 121 8.62 0.43 0.27
N ALA B 1 -0.40 5.23 -10.82
CA ALA B 1 -0.81 6.55 -10.23
C ALA B 1 -0.93 7.55 -11.35
N TRP B 2 -1.78 8.54 -11.18
CA TRP B 2 -1.94 9.56 -12.21
C TRP B 2 -1.64 10.88 -11.59
N LYS B 3 -1.02 11.79 -12.33
CA LYS B 3 -0.95 13.17 -11.88
C LYS B 3 -1.17 14.16 -13.05
N GLY B 4 -1.91 15.26 -12.82
CA GLY B 4 -2.07 16.34 -13.84
C GLY B 4 -2.89 17.50 -13.32
N GLU B 5 -3.09 18.52 -14.16
CA GLU B 5 -3.91 19.71 -13.84
C GLU B 5 -5.35 19.49 -14.30
N VAL B 6 -6.31 20.03 -13.56
CA VAL B 6 -7.72 20.07 -14.01
C VAL B 6 -8.09 21.55 -14.16
N LEU B 7 -8.26 22.00 -15.41
CA LEU B 7 -8.55 23.42 -15.61
C LEU B 7 -10.01 23.77 -15.20
N ALA B 8 -10.18 24.90 -14.56
CA ALA B 8 -11.48 25.27 -14.05
C ALA B 8 -12.34 25.55 -15.27
N ASN B 9 -11.73 26.11 -16.32
CA ASN B 9 -12.49 26.41 -17.53
C ASN B 9 -12.70 25.23 -18.44
N ASN B 10 -12.28 24.04 -18.03
CA ASN B 10 -12.43 22.85 -18.88
C ASN B 10 -13.77 22.12 -18.68
N GLU B 11 -14.79 22.59 -19.35
CA GLU B 11 -16.10 22.08 -19.09
C GLU B 11 -16.21 20.57 -19.19
N ALA B 12 -15.63 20.00 -20.23
CA ALA B 12 -15.79 18.57 -20.51
C ALA B 12 -15.06 17.71 -19.46
N GLY B 13 -14.07 18.28 -18.79
CA GLY B 13 -13.36 17.55 -17.77
C GLY B 13 -11.97 17.10 -18.18
N GLN B 14 -11.26 16.50 -17.25
CA GLN B 14 -9.87 16.15 -17.48
C GLN B 14 -9.86 14.65 -17.28
N VAL B 15 -9.80 13.92 -18.39
CA VAL B 15 -9.71 12.49 -18.33
C VAL B 15 -8.41 12.13 -17.61
N THR B 16 -8.44 11.05 -16.82
CA THR B 16 -7.20 10.58 -16.19
C THR B 16 -6.80 9.22 -16.78
N SER B 17 -5.68 8.68 -16.28
CA SER B 17 -5.23 7.34 -16.67
C SER B 17 -5.84 6.26 -15.79
N ILE B 18 -6.67 6.67 -14.84
CA ILE B 18 -7.10 5.78 -13.78
C ILE B 18 -8.38 5.06 -14.09
N ILE B 19 -8.33 3.75 -14.20
CA ILE B 19 -9.55 3.00 -14.42
C ILE B 19 -9.93 2.41 -13.07
N TYR B 20 -11.02 2.92 -12.49
CA TYR B 20 -11.45 2.40 -11.18
C TYR B 20 -12.18 1.11 -11.44
N ASN B 21 -11.80 0.06 -10.73
CA ASN B 21 -12.47 -1.26 -10.87
C ASN B 21 -13.12 -1.75 -9.56
N PRO B 22 -14.15 -2.65 -9.62
CA PRO B 22 -14.74 -3.22 -8.41
C PRO B 22 -13.68 -3.64 -7.40
N GLY B 23 -13.81 -3.16 -6.17
CA GLY B 23 -12.95 -3.55 -5.03
C GLY B 23 -11.79 -2.60 -4.84
N ASP B 24 -11.53 -1.73 -5.80
CA ASP B 24 -10.40 -0.84 -5.70
C ASP B 24 -10.51 0.16 -4.57
N VAL B 25 -9.38 0.40 -3.91
CA VAL B 25 -9.22 1.45 -2.93
C VAL B 25 -8.35 2.52 -3.59
N ILE B 26 -8.75 3.79 -3.46
CA ILE B 26 -8.01 4.84 -4.12
C ILE B 26 -7.84 6.02 -3.20
N THR B 27 -6.81 6.81 -3.43
CA THR B 27 -6.59 8.05 -2.70
C THR B 27 -6.38 9.17 -3.66
N ILE B 28 -6.97 10.32 -3.37
CA ILE B 28 -6.81 11.47 -4.24
C ILE B 28 -6.47 12.63 -3.36
N VAL B 29 -5.49 13.42 -3.79
CA VAL B 29 -5.13 14.68 -3.14
C VAL B 29 -5.14 15.77 -4.21
N ALA B 30 -5.90 16.84 -3.95
CA ALA B 30 -6.08 17.95 -4.89
C ALA B 30 -5.68 19.28 -4.24
N ALA B 31 -5.09 20.16 -5.03
CA ALA B 31 -4.47 21.34 -4.43
C ALA B 31 -4.61 22.46 -5.44
N GLY B 32 -4.61 23.70 -4.98
CA GLY B 32 -4.66 24.79 -5.93
C GLY B 32 -5.82 25.77 -5.75
N TRP B 33 -5.87 26.74 -6.67
CA TRP B 33 -6.72 27.93 -6.60
C TRP B 33 -7.38 28.15 -7.88
N ALA B 34 -8.72 28.09 -7.89
CA ALA B 34 -9.48 28.37 -9.10
C ALA B 34 -10.65 29.33 -8.83
N SER B 35 -11.31 29.77 -9.92
CA SER B 35 -12.52 30.60 -9.85
C SER B 35 -13.56 30.19 -10.91
N TYR B 36 -14.83 30.34 -10.58
CA TYR B 36 -15.95 30.20 -11.57
C TYR B 36 -16.31 31.52 -12.21
N GLY B 37 -15.47 32.52 -11.97
CA GLY B 37 -15.76 33.77 -12.66
C GLY B 37 -15.24 34.96 -11.90
N PRO B 38 -15.69 35.11 -10.64
CA PRO B 38 -15.24 36.24 -9.81
C PRO B 38 -13.73 36.26 -9.76
N THR B 39 -13.18 37.43 -9.43
CA THR B 39 -11.74 37.61 -9.47
C THR B 39 -11.06 36.73 -8.37
N GLN B 40 -11.62 36.76 -7.15
CA GLN B 40 -11.26 35.86 -6.05
C GLN B 40 -11.11 34.42 -6.54
N LYS B 41 -10.24 33.66 -5.90
CA LYS B 41 -10.09 32.26 -6.23
C LYS B 41 -10.40 31.41 -4.99
N TRP B 42 -10.77 30.15 -5.21
CA TRP B 42 -11.08 29.19 -4.16
C TRP B 42 -10.33 27.93 -4.39
N GLY B 43 -10.06 27.25 -3.27
CA GLY B 43 -9.48 25.92 -3.33
C GLY B 43 -10.46 24.89 -3.82
N PRO B 44 -10.04 23.61 -3.81
CA PRO B 44 -10.84 22.48 -4.34
C PRO B 44 -12.15 22.13 -3.60
N GLN B 45 -12.38 22.75 -2.43
CA GLN B 45 -13.68 22.66 -1.72
C GLN B 45 -14.71 23.65 -2.33
N GLY B 46 -14.21 24.62 -3.10
CA GLY B 46 -15.07 25.63 -3.76
C GLY B 46 -15.54 26.75 -2.82
N ASP B 47 -16.66 27.39 -3.18
CA ASP B 47 -17.11 28.55 -2.43
C ASP B 47 -18.31 28.21 -1.56
N ARG B 48 -18.11 28.11 -0.24
CA ARG B 48 -19.19 27.67 0.65
C ARG B 48 -20.37 28.67 0.65
N GLU B 49 -20.10 29.94 0.32
CA GLU B 49 -21.13 30.95 0.36
C GLU B 49 -21.97 31.02 -0.90
N HIS B 50 -21.73 30.14 -1.86
CA HIS B 50 -22.28 30.40 -3.21
C HIS B 50 -23.54 29.62 -3.51
N PRO B 51 -24.64 30.31 -3.80
CA PRO B 51 -25.81 29.48 -4.02
C PRO B 51 -25.55 28.47 -5.16
N ASP B 52 -26.31 27.38 -5.18
CA ASP B 52 -26.24 26.39 -6.26
C ASP B 52 -27.35 26.61 -7.32
N GLN B 53 -26.94 27.01 -8.53
CA GLN B 53 -27.90 27.33 -9.61
C GLN B 53 -27.73 26.43 -10.83
N GLY B 54 -27.85 25.12 -10.66
CA GLY B 54 -27.68 24.13 -11.73
C GLY B 54 -26.23 23.67 -11.86
N LEU B 55 -25.51 23.60 -10.72
CA LEU B 55 -24.18 23.02 -10.65
C LEU B 55 -24.14 21.60 -11.21
N ILE B 56 -23.00 21.19 -11.82
CA ILE B 56 -22.95 19.83 -12.39
C ILE B 56 -22.95 18.82 -11.25
N CYS B 57 -22.56 19.25 -10.05
CA CYS B 57 -22.68 18.40 -8.88
C CYS B 57 -23.39 19.20 -7.81
N HIS B 58 -24.50 18.70 -7.30
CA HIS B 58 -25.23 19.38 -6.22
C HIS B 58 -24.82 19.03 -4.81
N ASP B 59 -23.76 18.21 -4.70
CA ASP B 59 -23.29 17.68 -3.43
C ASP B 59 -21.97 18.31 -3.10
N ALA B 60 -21.63 19.38 -3.80
CA ALA B 60 -20.38 20.05 -3.55
C ALA B 60 -20.59 21.52 -3.87
N PHE B 61 -19.83 22.39 -3.18
CA PHE B 61 -19.91 23.80 -3.55
C PHE B 61 -19.60 24.13 -5.04
N CYS B 62 -20.17 25.21 -5.54
CA CYS B 62 -19.73 25.78 -6.79
C CYS B 62 -18.20 25.97 -6.72
N GLY B 63 -17.47 25.56 -7.78
CA GLY B 63 -15.99 25.72 -7.77
C GLY B 63 -15.09 24.70 -7.07
N ALA B 64 -15.72 23.65 -6.55
CA ALA B 64 -15.08 22.44 -6.00
C ALA B 64 -14.67 21.46 -7.05
N LEU B 65 -13.77 20.57 -6.66
CA LEU B 65 -13.40 19.44 -7.53
C LEU B 65 -14.38 18.26 -7.42
N VAL B 66 -14.87 17.84 -8.56
CA VAL B 66 -15.70 16.66 -8.55
C VAL B 66 -15.16 15.67 -9.61
N MET B 67 -15.71 14.48 -9.66
CA MET B 67 -15.27 13.50 -10.61
C MET B 67 -16.45 12.78 -11.18
N LYS B 68 -16.21 12.04 -12.25
CA LYS B 68 -17.14 11.00 -12.68
C LYS B 68 -16.36 9.71 -12.86
N ILE B 69 -16.97 8.60 -12.49
CA ILE B 69 -16.37 7.32 -12.74
C ILE B 69 -17.20 6.57 -13.80
N GLY B 70 -16.60 6.44 -14.98
CA GLY B 70 -17.25 5.80 -16.11
C GLY B 70 -18.52 6.57 -16.34
N ASN B 71 -19.65 5.85 -16.33
CA ASN B 71 -21.00 6.40 -16.48
C ASN B 71 -21.66 7.02 -15.26
N SER B 72 -20.96 7.11 -14.12
CA SER B 72 -21.63 7.52 -12.88
C SER B 72 -22.08 8.97 -12.92
N GLY B 73 -22.87 9.37 -11.94
CA GLY B 73 -23.12 10.78 -11.80
C GLY B 73 -21.85 11.44 -11.30
N THR B 74 -21.97 12.72 -10.99
CA THR B 74 -20.84 13.41 -10.41
C THR B 74 -20.65 12.99 -8.94
N ILE B 75 -19.41 12.98 -8.51
CA ILE B 75 -19.10 12.62 -7.14
C ILE B 75 -18.10 13.65 -6.59
N PRO B 76 -18.37 14.17 -5.37
CA PRO B 76 -17.42 15.14 -4.84
C PRO B 76 -16.05 14.53 -4.53
N VAL B 77 -15.04 15.29 -4.86
CA VAL B 77 -13.69 14.94 -4.53
C VAL B 77 -13.16 15.96 -3.54
N ASN B 78 -13.45 17.24 -3.80
CA ASN B 78 -12.95 18.31 -2.88
C ASN B 78 -11.42 18.28 -2.67
N THR B 79 -10.94 18.30 -1.40
CA THR B 79 -9.51 18.33 -1.15
C THR B 79 -8.87 16.96 -1.43
N GLY B 80 -9.70 15.92 -1.58
CA GLY B 80 -9.19 14.59 -1.88
C GLY B 80 -10.05 13.55 -1.20
N LEU B 81 -9.63 12.30 -1.27
CA LEU B 81 -10.37 11.16 -0.75
C LEU B 81 -9.32 10.23 -0.26
N PHE B 82 -9.46 9.71 0.94
CA PHE B 82 -8.42 8.91 1.58
C PHE B 82 -8.82 7.44 1.66
N ARG B 83 -8.10 6.56 0.97
CA ARG B 83 -8.36 5.13 0.99
C ARG B 83 -9.83 4.81 0.77
N TRP B 84 -10.32 5.21 -0.39
CA TRP B 84 -11.75 5.34 -0.70
C TRP B 84 -12.28 4.24 -1.62
N VAL B 85 -13.50 3.78 -1.38
CA VAL B 85 -14.09 2.76 -2.21
C VAL B 85 -15.42 3.33 -2.76
N ALA B 86 -15.61 3.20 -4.08
CA ALA B 86 -16.82 3.62 -4.75
C ALA B 86 -18.07 2.85 -4.30
N PRO B 87 -19.26 3.49 -4.41
CA PRO B 87 -20.51 2.74 -4.24
C PRO B 87 -20.54 1.56 -5.21
N ASN B 88 -21.30 0.53 -4.87
CA ASN B 88 -21.65 -0.50 -5.83
C ASN B 88 -21.67 -0.09 -7.28
N ASN B 89 -21.21 -1.00 -8.15
CA ASN B 89 -21.49 -0.90 -9.59
C ASN B 89 -20.95 0.37 -10.21
N VAL B 90 -20.18 1.13 -9.45
CA VAL B 90 -19.52 2.31 -10.00
C VAL B 90 -18.12 1.88 -10.51
N GLN B 91 -17.81 2.16 -11.78
CA GLN B 91 -16.50 1.78 -12.35
C GLN B 91 -16.21 2.45 -13.68
N GLY B 92 -14.95 2.31 -14.11
CA GLY B 92 -14.47 2.90 -15.35
C GLY B 92 -13.46 4.02 -15.16
N ALA B 93 -13.20 4.74 -16.24
CA ALA B 93 -12.20 5.80 -16.27
C ALA B 93 -12.62 6.95 -15.32
N ILE B 94 -11.69 7.47 -14.53
CA ILE B 94 -12.02 8.64 -13.77
C ILE B 94 -11.80 9.90 -14.55
N THR B 95 -12.82 10.74 -14.60
CA THR B 95 -12.73 12.05 -15.19
C THR B 95 -12.90 13.08 -14.07
N LEU B 96 -12.00 14.05 -14.01
CA LEU B 96 -12.06 15.09 -13.01
C LEU B 96 -12.69 16.34 -13.60
N ILE B 97 -13.60 16.96 -12.86
CA ILE B 97 -14.36 18.11 -13.41
C ILE B 97 -14.49 19.18 -12.32
N TYR B 98 -14.30 20.44 -12.74
CA TYR B 98 -14.50 21.64 -11.90
C TYR B 98 -16.00 21.88 -11.86
N ASN B 99 -16.56 22.02 -10.65
CA ASN B 99 -18.01 22.16 -10.45
C ASN B 99 -18.54 23.56 -10.76
N ASP B 100 -19.18 23.74 -11.91
CA ASP B 100 -19.83 25.00 -12.23
C ASP B 100 -21.14 24.66 -12.95
N VAL B 101 -21.89 25.69 -13.39
CA VAL B 101 -23.15 25.55 -14.19
C VAL B 101 -22.98 25.28 -15.75
N PRO B 102 -23.60 24.20 -16.23
CA PRO B 102 -23.35 23.87 -17.64
C PRO B 102 -23.49 25.11 -18.54
N GLY B 103 -22.49 25.35 -19.39
CA GLY B 103 -22.49 26.55 -20.18
C GLY B 103 -21.77 27.75 -19.60
N THR B 104 -21.45 27.73 -18.32
CA THR B 104 -20.88 28.92 -17.69
C THR B 104 -19.38 28.88 -17.56
N TYR B 105 -18.77 27.82 -18.08
CA TYR B 105 -17.36 27.53 -17.83
C TYR B 105 -16.37 28.50 -18.47
N GLY B 106 -16.85 29.25 -19.45
CA GLY B 106 -15.95 30.05 -20.21
C GLY B 106 -15.29 31.22 -19.53
N ASN B 107 -15.90 31.74 -18.47
CA ASN B 107 -15.26 32.82 -17.73
C ASN B 107 -14.38 32.32 -16.60
N ASN B 108 -14.29 30.99 -16.44
CA ASN B 108 -13.49 30.36 -15.35
C ASN B 108 -11.98 30.47 -15.47
N SER B 109 -11.26 30.36 -14.37
CA SER B 109 -9.81 30.41 -14.46
C SER B 109 -9.15 29.61 -13.35
N GLY B 110 -7.83 29.46 -13.44
CA GLY B 110 -7.05 28.66 -12.44
C GLY B 110 -7.29 27.18 -12.65
N SER B 111 -6.63 26.36 -11.85
CA SER B 111 -6.68 24.92 -12.02
C SER B 111 -6.34 24.22 -10.74
N PHE B 112 -6.74 22.97 -10.62
CA PHE B 112 -6.18 22.18 -9.54
C PHE B 112 -5.13 21.20 -10.00
N SER B 113 -4.17 20.96 -9.11
CA SER B 113 -3.17 19.95 -9.31
C SER B 113 -3.60 18.73 -8.52
N VAL B 114 -3.69 17.58 -9.18
CA VAL B 114 -4.34 16.40 -8.58
C VAL B 114 -3.45 15.17 -8.68
N ASN B 115 -3.38 14.40 -7.60
CA ASN B 115 -2.75 13.09 -7.62
C ASN B 115 -3.78 12.05 -7.32
N ILE B 116 -3.71 10.93 -8.00
CA ILE B 116 -4.61 9.83 -7.76
C ILE B 116 -3.74 8.58 -7.80
N GLY B 117 -3.88 7.67 -6.85
CA GLY B 117 -3.20 6.39 -7.02
C GLY B 117 -4.07 5.32 -6.41
N LYS B 118 -3.81 4.06 -6.75
CA LYS B 118 -4.51 2.97 -6.11
C LYS B 118 -3.82 2.56 -4.80
N ASP B 119 -4.60 2.16 -3.80
CA ASP B 119 -4.02 1.75 -2.52
C ASP B 119 -4.03 0.22 -2.37
N GLN B 120 -3.30 -0.30 -1.39
CA GLN B 120 -3.39 -1.71 -1.13
C GLN B 120 -4.83 -2.07 -0.95
N SER B 121 -5.22 -3.25 -1.38
CA SER B 121 -6.56 -3.73 -1.10
C SER B 121 -6.52 -5.23 -0.98
N ALA C 1 -7.89 -8.11 -0.31
CA ALA C 1 -7.07 -9.32 -0.07
C ALA C 1 -7.97 -10.54 -0.07
N TRP C 2 -7.39 -11.67 -0.42
CA TRP C 2 -7.99 -12.97 -0.20
C TRP C 2 -7.01 -13.82 0.55
N LYS C 3 -7.54 -14.73 1.35
CA LYS C 3 -6.76 -15.76 2.00
C LYS C 3 -7.59 -17.02 2.04
N GLY C 4 -6.94 -18.17 1.86
CA GLY C 4 -7.58 -19.46 2.06
C GLY C 4 -6.64 -20.59 1.77
N GLU C 5 -7.22 -21.79 1.68
CA GLU C 5 -6.53 -23.07 1.57
C GLU C 5 -6.66 -23.63 0.15
N VAL C 6 -5.55 -24.14 -0.39
CA VAL C 6 -5.55 -24.78 -1.71
C VAL C 6 -5.16 -26.24 -1.51
N LEU C 7 -6.14 -27.15 -1.49
CA LEU C 7 -5.87 -28.59 -1.34
C LEU C 7 -5.16 -29.18 -2.56
N ALA C 8 -4.16 -30.04 -2.29
CA ALA C 8 -3.47 -30.75 -3.37
C ALA C 8 -4.44 -31.53 -4.28
N ASN C 9 -5.48 -32.12 -3.70
CA ASN C 9 -6.45 -32.87 -4.52
C ASN C 9 -7.49 -32.06 -5.35
N ASN C 10 -7.63 -30.75 -5.11
CA ASN C 10 -8.64 -29.95 -5.83
C ASN C 10 -8.24 -29.71 -7.31
N GLU C 11 -8.55 -30.69 -8.16
CA GLU C 11 -8.01 -30.71 -9.51
C GLU C 11 -8.44 -29.49 -10.27
N ALA C 12 -9.65 -29.03 -9.99
CA ALA C 12 -10.24 -27.93 -10.70
C ALA C 12 -9.63 -26.63 -10.18
N GLY C 13 -9.07 -26.65 -8.99
CA GLY C 13 -8.42 -25.46 -8.46
C GLY C 13 -9.33 -24.56 -7.62
N GLN C 14 -8.74 -23.91 -6.62
CA GLN C 14 -9.46 -23.03 -5.71
C GLN C 14 -9.66 -21.62 -6.27
N VAL C 15 -10.90 -21.24 -6.54
CA VAL C 15 -11.21 -19.89 -6.97
C VAL C 15 -10.95 -18.90 -5.82
N THR C 16 -10.45 -17.71 -6.12
CA THR C 16 -10.19 -16.71 -5.08
C THR C 16 -11.16 -15.59 -5.32
N SER C 17 -11.14 -14.57 -4.45
CA SER C 17 -12.00 -13.42 -4.66
C SER C 17 -11.29 -12.37 -5.50
N ILE C 18 -10.06 -12.65 -5.91
CA ILE C 18 -9.29 -11.66 -6.63
C ILE C 18 -9.54 -11.70 -8.12
N ILE C 19 -10.08 -10.63 -8.70
CA ILE C 19 -10.17 -10.50 -10.15
C ILE C 19 -8.96 -9.67 -10.47
N TYR C 20 -8.03 -10.20 -11.29
CA TYR C 20 -6.85 -9.44 -11.69
C TYR C 20 -7.24 -8.50 -12.79
N ASN C 21 -6.96 -7.23 -12.60
CA ASN C 21 -7.33 -6.26 -13.60
C ASN C 21 -6.11 -5.59 -14.22
N PRO C 22 -6.21 -5.15 -15.48
CA PRO C 22 -5.11 -4.50 -16.14
C PRO C 22 -4.49 -3.45 -15.24
N GLY C 23 -3.16 -3.41 -15.22
CA GLY C 23 -2.38 -2.52 -14.34
C GLY C 23 -2.31 -2.92 -12.87
N ASP C 24 -3.05 -3.95 -12.46
CA ASP C 24 -2.95 -4.33 -11.05
C ASP C 24 -1.56 -4.81 -10.69
N VAL C 25 -1.23 -4.67 -9.40
CA VAL C 25 0.06 -5.11 -8.87
C VAL C 25 -0.28 -5.98 -7.69
N ILE C 26 0.14 -7.24 -7.70
CA ILE C 26 -0.30 -8.15 -6.65
C ILE C 26 0.87 -8.80 -5.96
N THR C 27 0.61 -9.23 -4.75
CA THR C 27 1.60 -9.94 -4.00
C THR C 27 0.93 -11.22 -3.57
N ILE C 28 1.56 -12.36 -3.83
CA ILE C 28 1.07 -13.61 -3.23
C ILE C 28 2.09 -14.20 -2.24
N VAL C 29 1.61 -14.78 -1.13
CA VAL C 29 2.48 -15.54 -0.23
C VAL C 29 1.84 -16.87 0.04
N ALA C 30 2.54 -17.97 -0.24
CA ALA C 30 2.07 -19.32 0.07
C ALA C 30 3.00 -20.11 1.01
N ALA C 31 2.41 -20.94 1.87
CA ALA C 31 3.16 -21.77 2.83
C ALA C 31 2.46 -23.13 2.89
N GLY C 32 3.05 -24.10 3.59
CA GLY C 32 2.39 -25.39 3.79
C GLY C 32 3.07 -26.57 3.11
N TRP C 33 2.40 -27.71 3.19
CA TRP C 33 2.99 -28.99 2.85
C TRP C 33 1.98 -29.87 2.21
N ALA C 34 2.38 -30.52 1.12
CA ALA C 34 1.47 -31.29 0.29
C ALA C 34 2.19 -32.48 -0.41
N SER C 35 1.43 -33.37 -1.04
CA SER C 35 2.03 -34.46 -1.78
C SER C 35 1.21 -34.76 -3.02
N TYR C 36 1.90 -35.21 -4.08
CA TYR C 36 1.23 -35.66 -5.29
C TYR C 36 1.04 -37.18 -5.29
N GLY C 37 1.30 -37.82 -4.16
CA GLY C 37 1.10 -39.26 -4.02
C GLY C 37 2.00 -39.93 -2.99
N PRO C 38 3.34 -39.73 -3.06
CA PRO C 38 4.26 -40.40 -2.11
C PRO C 38 3.96 -40.00 -0.69
N THR C 39 4.45 -40.77 0.29
CA THR C 39 4.31 -40.40 1.70
C THR C 39 4.99 -39.04 2.05
N GLN C 40 6.21 -38.79 1.55
CA GLN C 40 6.88 -37.48 1.73
C GLN C 40 5.93 -36.34 1.38
N LYS C 41 6.18 -35.16 1.92
CA LYS C 41 5.45 -33.97 1.49
C LYS C 41 6.41 -32.87 1.00
N TRP C 42 5.93 -31.98 0.13
CA TRP C 42 6.74 -30.81 -0.30
C TRP C 42 6.10 -29.44 -0.09
N GLY C 43 6.95 -28.41 0.01
CA GLY C 43 6.50 -27.03 0.09
C GLY C 43 5.90 -26.61 -1.24
N PRO C 44 5.57 -25.32 -1.37
CA PRO C 44 4.90 -24.79 -2.55
C PRO C 44 5.77 -24.57 -3.78
N GLN C 45 7.09 -24.73 -3.66
CA GLN C 45 7.93 -24.87 -4.89
C GLN C 45 7.85 -26.27 -5.53
N GLY C 46 7.34 -27.27 -4.78
CA GLY C 46 7.22 -28.65 -5.29
C GLY C 46 8.47 -29.52 -5.16
N ASP C 47 8.50 -30.61 -5.94
CA ASP C 47 9.59 -31.62 -5.95
C ASP C 47 10.55 -31.44 -7.14
N ARG C 48 11.68 -30.83 -6.82
CA ARG C 48 12.63 -30.48 -7.82
C ARG C 48 13.25 -31.73 -8.44
N GLU C 49 13.00 -32.90 -7.87
CA GLU C 49 13.58 -34.10 -8.46
C GLU C 49 12.61 -34.93 -9.30
N HIS C 50 11.35 -34.55 -9.31
CA HIS C 50 10.37 -35.35 -10.01
C HIS C 50 10.31 -35.00 -11.46
N PRO C 51 10.24 -36.03 -12.34
CA PRO C 51 10.07 -35.75 -13.77
C PRO C 51 8.69 -35.20 -14.14
N ASP C 52 8.67 -34.37 -15.17
CA ASP C 52 7.46 -33.75 -15.72
C ASP C 52 6.85 -34.73 -16.71
N GLN C 53 5.83 -35.45 -16.24
CA GLN C 53 5.12 -36.47 -17.00
C GLN C 53 3.78 -35.96 -17.48
N GLY C 54 3.64 -34.65 -17.66
CA GLY C 54 2.42 -34.12 -18.25
C GLY C 54 1.67 -33.22 -17.28
N LEU C 55 2.44 -32.54 -16.45
CA LEU C 55 1.91 -31.52 -15.55
C LEU C 55 1.03 -30.47 -16.22
N ILE C 56 0.08 -29.92 -15.46
CA ILE C 56 -0.73 -28.83 -15.96
C ILE C 56 0.14 -27.58 -16.11
N CYS C 57 1.29 -27.52 -15.40
CA CYS C 57 2.24 -26.43 -15.58
C CYS C 57 3.67 -26.90 -15.90
N HIS C 58 4.14 -26.67 -17.13
CA HIS C 58 5.45 -27.25 -17.50
C HIS C 58 6.61 -26.45 -16.97
N ASP C 59 6.25 -25.33 -16.33
CA ASP C 59 7.22 -24.35 -15.83
C ASP C 59 7.50 -24.34 -14.35
N ALA C 60 6.88 -25.27 -13.62
CA ALA C 60 7.18 -25.45 -12.22
C ALA C 60 7.24 -26.96 -12.00
N PHE C 61 7.89 -27.38 -10.93
CA PHE C 61 8.02 -28.79 -10.60
C PHE C 61 6.66 -29.33 -10.20
N CYS C 62 6.52 -30.65 -10.26
CA CYS C 62 5.34 -31.31 -9.73
C CYS C 62 5.21 -30.99 -8.24
N GLY C 63 3.99 -30.66 -7.82
CA GLY C 63 3.72 -30.41 -6.41
C GLY C 63 3.88 -28.95 -6.00
N ALA C 64 4.20 -28.09 -6.97
CA ALA C 64 4.33 -26.65 -6.71
C ALA C 64 2.95 -25.98 -6.90
N LEU C 65 2.76 -24.81 -6.24
CA LEU C 65 1.55 -24.00 -6.46
C LEU C 65 1.62 -23.19 -7.75
N VAL C 66 0.58 -23.31 -8.58
CA VAL C 66 0.41 -22.49 -9.77
C VAL C 66 -0.94 -21.80 -9.75
N MET C 67 -1.15 -20.90 -10.71
CA MET C 67 -2.45 -20.24 -10.81
C MET C 67 -2.91 -20.11 -12.27
N LYS C 68 -4.20 -19.83 -12.44
CA LYS C 68 -4.70 -19.30 -13.69
C LYS C 68 -5.36 -17.94 -13.44
N ILE C 69 -5.06 -16.97 -14.30
CA ILE C 69 -5.76 -15.69 -14.29
C ILE C 69 -6.73 -15.69 -15.47
N GLY C 70 -8.03 -15.65 -15.17
CA GLY C 70 -9.08 -15.64 -16.17
C GLY C 70 -8.84 -16.81 -17.07
N ASN C 71 -8.81 -16.51 -18.38
CA ASN C 71 -8.63 -17.50 -19.44
C ASN C 71 -7.21 -18.02 -19.71
N SER C 72 -6.20 -17.52 -18.99
CA SER C 72 -4.82 -17.81 -19.34
C SER C 72 -4.44 -19.27 -19.16
N GLY C 73 -3.24 -19.62 -19.63
CA GLY C 73 -2.62 -20.90 -19.23
C GLY C 73 -2.11 -20.82 -17.80
N THR C 74 -1.51 -21.91 -17.32
CA THR C 74 -1.00 -21.94 -15.95
C THR C 74 0.22 -21.04 -15.75
N ILE C 75 0.28 -20.30 -14.65
CA ILE C 75 1.41 -19.44 -14.33
C ILE C 75 2.02 -19.88 -13.00
N PRO C 76 3.35 -20.01 -12.92
CA PRO C 76 3.90 -20.47 -11.65
C PRO C 76 3.73 -19.45 -10.52
N VAL C 77 3.43 -19.96 -9.33
CA VAL C 77 3.32 -19.12 -8.15
C VAL C 77 4.37 -19.51 -7.12
N ASN C 78 4.58 -20.82 -6.95
CA ASN C 78 5.60 -21.33 -6.03
C ASN C 78 5.36 -20.71 -4.66
N THR C 79 6.40 -20.17 -4.01
CA THR C 79 6.27 -19.61 -2.66
C THR C 79 5.55 -18.27 -2.65
N GLY C 80 5.39 -17.64 -3.82
CA GLY C 80 4.60 -16.45 -3.94
C GLY C 80 5.21 -15.48 -4.94
N LEU C 81 4.60 -14.30 -5.05
CA LEU C 81 5.04 -13.29 -6.00
C LEU C 81 5.04 -11.94 -5.31
N PHE C 82 6.09 -11.18 -5.53
CA PHE C 82 6.21 -9.95 -4.81
C PHE C 82 5.93 -8.75 -5.71
N ARG C 83 4.80 -8.05 -5.48
CA ARG C 83 4.49 -6.81 -6.19
C ARG C 83 4.59 -7.07 -7.68
N TRP C 84 3.85 -8.07 -8.11
CA TRP C 84 3.96 -8.66 -9.43
C TRP C 84 2.92 -8.07 -10.38
N VAL C 85 3.25 -7.92 -11.66
CA VAL C 85 2.34 -7.39 -12.68
C VAL C 85 2.15 -8.48 -13.73
N ALA C 86 0.92 -8.78 -14.14
CA ALA C 86 0.68 -9.83 -15.15
C ALA C 86 1.17 -9.49 -16.58
N PRO C 87 1.44 -10.53 -17.43
CA PRO C 87 1.74 -10.28 -18.84
C PRO C 87 0.57 -9.56 -19.50
N ASN C 88 0.89 -8.73 -20.49
CA ASN C 88 -0.16 -8.02 -21.24
C ASN C 88 -1.31 -8.94 -21.59
N ASN C 89 -2.51 -8.38 -21.50
CA ASN C 89 -3.72 -9.09 -21.88
C ASN C 89 -4.15 -10.23 -20.94
N VAL C 90 -3.44 -10.42 -19.83
CA VAL C 90 -3.87 -11.40 -18.86
C VAL C 90 -4.72 -10.67 -17.79
N GLN C 91 -5.92 -11.19 -17.49
CA GLN C 91 -6.90 -10.50 -16.61
C GLN C 91 -8.02 -11.47 -16.17
N GLY C 92 -8.79 -11.06 -15.15
CA GLY C 92 -9.91 -11.89 -14.68
C GLY C 92 -9.60 -12.66 -13.42
N ALA C 93 -10.51 -13.56 -13.04
CA ALA C 93 -10.42 -14.25 -11.76
C ALA C 93 -9.17 -15.08 -11.66
N ILE C 94 -8.53 -14.99 -10.50
CA ILE C 94 -7.37 -15.81 -10.14
C ILE C 94 -7.84 -17.09 -9.47
N THR C 95 -7.50 -18.19 -10.11
CA THR C 95 -7.80 -19.53 -9.60
C THR C 95 -6.44 -20.19 -9.22
N LEU C 96 -6.33 -20.68 -8.00
CA LEU C 96 -5.09 -21.27 -7.54
C LEU C 96 -5.16 -22.78 -7.67
N ILE C 97 -4.07 -23.40 -8.14
CA ILE C 97 -4.08 -24.86 -8.38
C ILE C 97 -2.78 -25.57 -7.99
N TYR C 98 -2.90 -26.76 -7.42
CA TYR C 98 -1.80 -27.68 -7.24
C TYR C 98 -1.30 -28.26 -8.60
N ASN C 99 0.03 -28.30 -8.79
CA ASN C 99 0.64 -28.80 -10.04
C ASN C 99 0.75 -30.34 -10.05
N ASP C 100 -0.05 -30.97 -10.91
CA ASP C 100 0.06 -32.40 -11.09
C ASP C 100 -0.37 -32.73 -12.51
N VAL C 101 -0.45 -34.04 -12.82
CA VAL C 101 -0.94 -34.53 -14.10
C VAL C 101 -2.47 -34.68 -14.00
N PRO C 102 -3.23 -34.13 -14.98
CA PRO C 102 -4.69 -34.38 -15.02
C PRO C 102 -5.04 -35.85 -14.73
N GLY C 103 -6.12 -36.10 -14.01
CA GLY C 103 -6.46 -37.46 -13.62
C GLY C 103 -5.59 -38.07 -12.52
N THR C 104 -4.52 -37.41 -12.08
CA THR C 104 -3.71 -38.03 -11.03
C THR C 104 -3.89 -37.42 -9.66
N TYR C 105 -4.97 -36.68 -9.43
CA TYR C 105 -5.08 -35.90 -8.19
C TYR C 105 -5.58 -36.68 -6.99
N GLY C 106 -6.31 -37.77 -7.24
CA GLY C 106 -7.03 -38.48 -6.19
C GLY C 106 -6.21 -38.93 -4.99
N ASN C 107 -4.93 -39.17 -5.21
CA ASN C 107 -4.02 -39.58 -4.14
C ASN C 107 -3.19 -38.40 -3.58
N ASN C 108 -3.50 -37.18 -4.02
CA ASN C 108 -2.88 -35.97 -3.45
C ASN C 108 -3.39 -35.72 -2.04
N SER C 109 -2.50 -35.27 -1.16
CA SER C 109 -2.90 -34.93 0.21
C SER C 109 -2.30 -33.57 0.56
N GLY C 110 -2.82 -32.97 1.63
CA GLY C 110 -2.32 -31.70 2.15
C GLY C 110 -2.67 -30.52 1.28
N SER C 111 -2.13 -29.37 1.62
CA SER C 111 -2.50 -28.13 0.97
C SER C 111 -1.59 -26.98 1.33
N PHE C 112 -1.82 -25.87 0.66
CA PHE C 112 -1.08 -24.66 0.95
C PHE C 112 -2.03 -23.59 1.44
N SER C 113 -1.55 -22.83 2.41
CA SER C 113 -2.20 -21.63 2.91
C SER C 113 -1.76 -20.42 2.05
N VAL C 114 -2.71 -19.71 1.44
CA VAL C 114 -2.34 -18.67 0.50
C VAL C 114 -2.97 -17.28 0.79
N ASN C 115 -2.15 -16.24 0.74
CA ASN C 115 -2.64 -14.88 0.80
C ASN C 115 -2.39 -14.10 -0.49
N ILE C 116 -3.39 -13.36 -0.96
CA ILE C 116 -3.17 -12.47 -2.10
C ILE C 116 -3.73 -11.11 -1.79
N GLY C 117 -2.98 -10.06 -2.06
CA GLY C 117 -3.54 -8.74 -1.93
C GLY C 117 -3.12 -7.94 -3.12
N LYS C 118 -3.75 -6.79 -3.34
CA LYS C 118 -3.31 -5.93 -4.38
C LYS C 118 -2.40 -4.96 -3.71
N ASP C 119 -1.40 -4.50 -4.42
CA ASP C 119 -0.56 -3.48 -3.87
C ASP C 119 -0.87 -2.12 -4.47
N GLN C 120 -0.23 -1.12 -3.89
CA GLN C 120 -0.26 0.25 -4.37
C GLN C 120 0.12 0.24 -5.85
N SER C 121 -0.55 1.07 -6.64
CA SER C 121 -0.27 1.21 -8.10
C SER C 121 -0.44 2.69 -8.44
N ALA D 1 12.09 -0.71 -0.26
CA ALA D 1 11.93 -2.17 -0.39
C ALA D 1 13.33 -2.72 -0.50
N TRP D 2 13.54 -3.98 -0.15
CA TRP D 2 14.87 -4.61 -0.33
C TRP D 2 14.75 -5.95 -1.03
N LYS D 3 15.67 -6.22 -1.96
CA LYS D 3 15.77 -7.53 -2.57
C LYS D 3 17.24 -8.00 -2.62
N GLY D 4 17.49 -9.28 -2.31
CA GLY D 4 18.85 -9.86 -2.39
C GLY D 4 18.88 -11.34 -2.02
N GLU D 5 20.06 -11.96 -2.15
CA GLU D 5 20.27 -13.39 -1.84
C GLU D 5 20.71 -13.59 -0.40
N VAL D 6 20.23 -14.68 0.18
CA VAL D 6 20.65 -15.07 1.53
C VAL D 6 21.40 -16.36 1.28
N LEU D 7 22.73 -16.31 1.36
CA LEU D 7 23.56 -17.50 1.17
C LEU D 7 23.40 -18.52 2.31
N ALA D 8 23.18 -19.79 1.95
CA ALA D 8 23.03 -20.87 2.98
C ALA D 8 24.26 -21.03 3.87
N ASN D 9 25.43 -20.76 3.34
CA ASN D 9 26.65 -20.94 4.10
C ASN D 9 27.03 -19.66 4.85
N ASN D 10 26.20 -18.63 4.78
CA ASN D 10 26.50 -17.38 5.47
C ASN D 10 26.02 -17.42 6.91
N GLU D 11 26.85 -17.91 7.81
CA GLU D 11 26.48 -18.01 9.22
C GLU D 11 26.06 -16.70 9.93
N ALA D 12 26.66 -15.56 9.61
CA ALA D 12 26.26 -14.27 10.25
C ALA D 12 24.91 -13.75 9.77
N GLY D 13 24.50 -14.19 8.58
CA GLY D 13 23.22 -13.76 8.01
C GLY D 13 23.40 -12.62 7.01
N GLN D 14 22.38 -12.39 6.18
CA GLN D 14 22.39 -11.29 5.23
C GLN D 14 21.70 -10.09 5.83
N VAL D 15 22.43 -9.00 5.96
CA VAL D 15 21.88 -7.78 6.54
C VAL D 15 21.11 -7.06 5.42
N THR D 16 19.87 -6.63 5.69
CA THR D 16 19.08 -5.91 4.66
C THR D 16 18.98 -4.41 4.98
N SER D 17 18.42 -3.63 4.05
CA SER D 17 18.33 -2.18 4.28
C SER D 17 17.03 -1.83 5.01
N ILE D 18 16.20 -2.85 5.28
CA ILE D 18 14.91 -2.66 5.98
C ILE D 18 15.09 -2.48 7.50
N ILE D 19 14.52 -1.41 8.03
CA ILE D 19 14.58 -1.12 9.47
C ILE D 19 13.16 -1.25 10.00
N TYR D 20 12.89 -2.30 10.76
CA TYR D 20 11.54 -2.51 11.22
C TYR D 20 11.31 -1.59 12.38
N ASN D 21 10.27 -0.76 12.26
CA ASN D 21 9.90 0.22 13.29
C ASN D 21 8.52 -0.12 13.86
N PRO D 22 8.26 0.27 15.12
CA PRO D 22 6.96 0.01 15.74
C PRO D 22 5.80 0.36 14.81
N GLY D 23 4.80 -0.49 14.74
CA GLY D 23 3.70 -0.19 13.87
C GLY D 23 3.94 -0.51 12.40
N ASP D 24 5.15 -0.85 12.00
CA ASP D 24 5.33 -1.22 10.60
C ASP D 24 4.56 -2.49 10.20
N VAL D 25 4.09 -2.53 8.96
CA VAL D 25 3.56 -3.76 8.37
C VAL D 25 4.50 -4.16 7.21
N ILE D 26 4.95 -5.41 7.19
CA ILE D 26 5.91 -5.81 6.15
C ILE D 26 5.50 -7.09 5.41
N THR D 27 5.79 -7.15 4.10
CA THR D 27 5.66 -8.38 3.35
C THR D 27 7.07 -8.90 2.95
N ILE D 28 7.27 -10.21 3.14
CA ILE D 28 8.46 -10.93 2.70
C ILE D 28 8.04 -12.08 1.82
N VAL D 29 8.74 -12.26 0.69
CA VAL D 29 8.55 -13.41 -0.21
C VAL D 29 9.97 -14.01 -0.35
N ALA D 30 10.14 -15.28 0.03
CA ALA D 30 11.43 -15.98 -0.12
C ALA D 30 11.29 -17.18 -1.06
N ALA D 31 12.31 -17.43 -1.86
CA ALA D 31 12.27 -18.46 -2.93
C ALA D 31 13.67 -19.03 -3.22
N GLY D 32 13.73 -20.20 -3.85
CA GLY D 32 15.00 -20.83 -4.07
C GLY D 32 15.18 -22.17 -3.40
N TRP D 33 16.44 -22.61 -3.51
CA TRP D 33 16.90 -23.93 -3.16
C TRP D 33 18.26 -23.88 -2.52
N ALA D 34 18.39 -24.57 -1.38
CA ALA D 34 19.61 -24.60 -0.63
C ALA D 34 19.78 -25.91 0.17
N SER D 35 20.96 -26.08 0.75
CA SER D 35 21.25 -27.28 1.52
C SER D 35 22.08 -27.00 2.75
N TYR D 36 21.70 -27.60 3.86
CA TYR D 36 22.51 -27.58 5.05
C TYR D 36 23.56 -28.69 5.01
N GLY D 37 23.78 -29.32 3.85
CA GLY D 37 24.83 -30.38 3.76
C GLY D 37 24.56 -31.52 2.79
N PRO D 38 23.47 -32.28 2.98
CA PRO D 38 23.17 -33.34 2.01
C PRO D 38 23.08 -32.82 0.57
N THR D 39 23.17 -33.75 -0.39
CA THR D 39 23.14 -33.42 -1.82
C THR D 39 21.78 -32.90 -2.27
N GLN D 40 20.72 -33.35 -1.59
CA GLN D 40 19.36 -32.83 -1.82
C GLN D 40 19.31 -31.31 -1.47
N LYS D 41 18.36 -30.59 -2.05
CA LYS D 41 18.14 -29.19 -1.67
C LYS D 41 16.69 -29.00 -1.27
N TRP D 42 16.45 -28.02 -0.40
CA TRP D 42 15.12 -27.75 0.15
C TRP D 42 14.77 -26.30 -0.02
N GLY D 43 13.48 -26.02 0.04
CA GLY D 43 12.99 -24.67 -0.14
C GLY D 43 13.11 -23.86 1.14
N PRO D 44 12.58 -22.65 1.11
CA PRO D 44 12.69 -21.80 2.29
C PRO D 44 12.03 -22.36 3.57
N GLN D 45 11.11 -23.32 3.43
CA GLN D 45 10.55 -23.98 4.61
C GLN D 45 11.49 -24.99 5.23
N GLY D 46 12.66 -25.22 4.60
CA GLY D 46 13.63 -26.20 5.12
C GLY D 46 13.22 -27.66 5.00
N ASP D 47 13.81 -28.50 5.85
CA ASP D 47 13.64 -29.97 5.81
C ASP D 47 12.76 -30.52 6.96
N ARG D 48 11.49 -30.82 6.65
CA ARG D 48 10.51 -31.18 7.65
C ARG D 48 10.84 -32.52 8.27
N GLU D 49 11.88 -33.20 7.79
CA GLU D 49 12.21 -34.49 8.33
C GLU D 49 13.48 -34.52 9.17
N HIS D 50 14.20 -33.40 9.24
CA HIS D 50 15.46 -33.43 9.92
C HIS D 50 15.27 -32.96 11.32
N PRO D 51 15.84 -33.66 12.32
CA PRO D 51 15.63 -33.16 13.68
C PRO D 51 16.48 -31.92 13.97
N ASP D 52 16.11 -31.26 15.07
CA ASP D 52 16.78 -30.07 15.56
C ASP D 52 17.94 -30.51 16.47
N GLN D 53 19.17 -30.24 16.05
CA GLN D 53 20.36 -30.58 16.87
C GLN D 53 21.07 -29.36 17.49
N GLY D 54 20.35 -28.26 17.75
CA GLY D 54 21.00 -27.00 18.12
C GLY D 54 20.85 -25.92 17.05
N LEU D 55 19.70 -25.93 16.36
CA LEU D 55 19.36 -24.94 15.33
C LEU D 55 19.30 -23.52 15.93
N ILE D 56 19.65 -22.51 15.11
CA ILE D 56 19.52 -21.10 15.53
C ILE D 56 18.06 -20.64 15.67
N CYS D 57 17.13 -21.43 15.11
CA CYS D 57 15.72 -21.22 15.34
C CYS D 57 14.99 -22.54 15.61
N HIS D 58 14.68 -22.79 16.88
CA HIS D 58 13.92 -23.99 17.26
C HIS D 58 12.51 -23.98 16.76
N ASP D 59 12.08 -22.89 16.15
CA ASP D 59 10.69 -22.82 15.69
C ASP D 59 10.58 -22.96 14.18
N ALA D 60 11.65 -23.38 13.55
CA ALA D 60 11.62 -23.66 12.15
C ALA D 60 12.58 -24.79 11.85
N PHE D 61 12.30 -25.54 10.78
CA PHE D 61 13.11 -26.71 10.40
C PHE D 61 14.47 -26.28 9.96
N CYS D 62 15.40 -27.23 10.02
CA CYS D 62 16.74 -27.05 9.53
C CYS D 62 16.64 -26.74 8.05
N GLY D 63 17.44 -25.78 7.60
CA GLY D 63 17.35 -25.27 6.22
C GLY D 63 16.26 -24.24 5.91
N ALA D 64 15.47 -23.81 6.90
CA ALA D 64 14.46 -22.75 6.64
C ALA D 64 15.00 -21.32 6.67
N LEU D 65 14.30 -20.37 6.07
CA LEU D 65 14.71 -18.97 6.24
C LEU D 65 14.19 -18.43 7.57
N VAL D 66 15.08 -17.84 8.35
CA VAL D 66 14.66 -17.15 9.55
C VAL D 66 15.25 -15.74 9.51
N MET D 67 14.92 -14.91 10.51
CA MET D 67 15.42 -13.56 10.53
C MET D 67 15.65 -13.11 11.94
N LYS D 68 16.49 -12.09 12.09
CA LYS D 68 16.51 -11.34 13.35
C LYS D 68 16.12 -9.88 13.10
N ILE D 69 15.31 -9.32 13.98
CA ILE D 69 15.02 -7.91 13.91
C ILE D 69 15.67 -7.18 15.06
N GLY D 70 16.65 -6.34 14.74
CA GLY D 70 17.44 -5.66 15.77
C GLY D 70 18.11 -6.75 16.60
N ASN D 71 17.87 -6.72 17.90
CA ASN D 71 18.54 -7.70 18.72
C ASN D 71 17.53 -8.71 19.26
N SER D 72 16.47 -8.98 18.51
CA SER D 72 15.51 -10.01 18.88
C SER D 72 16.19 -11.36 18.66
N GLY D 73 15.57 -12.44 19.10
CA GLY D 73 15.95 -13.76 18.66
C GLY D 73 15.39 -14.05 17.30
N THR D 74 15.64 -15.26 16.81
CA THR D 74 15.27 -15.65 15.46
C THR D 74 13.75 -15.79 15.38
N ILE D 75 13.18 -15.38 14.26
CA ILE D 75 11.77 -15.53 14.00
C ILE D 75 11.63 -16.31 12.72
N PRO D 76 10.76 -17.29 12.69
CA PRO D 76 10.59 -18.00 11.42
C PRO D 76 10.21 -17.05 10.30
N VAL D 77 10.80 -17.24 9.12
CA VAL D 77 10.32 -16.56 7.92
C VAL D 77 9.72 -17.55 6.98
N ASN D 78 10.41 -18.68 6.76
CA ASN D 78 9.90 -19.71 5.87
C ASN D 78 9.70 -19.15 4.47
N THR D 79 8.61 -19.46 3.77
CA THR D 79 8.39 -18.92 2.41
C THR D 79 8.06 -17.41 2.40
N GLY D 80 7.71 -16.87 3.54
CA GLY D 80 7.59 -15.43 3.66
C GLY D 80 6.60 -15.04 4.71
N LEU D 81 6.28 -13.75 4.76
CA LEU D 81 5.30 -13.22 5.69
C LEU D 81 4.45 -12.20 4.94
N PHE D 82 3.15 -12.23 5.23
CA PHE D 82 2.20 -11.44 4.47
C PHE D 82 1.62 -10.30 5.29
N ARG D 83 1.92 -9.08 4.88
CA ARG D 83 1.48 -7.91 5.65
C ARG D 83 1.54 -8.22 7.15
N TRP D 84 2.77 -8.37 7.64
CA TRP D 84 3.04 -8.89 8.97
C TRP D 84 3.51 -7.79 9.87
N VAL D 85 3.16 -7.92 11.15
CA VAL D 85 3.50 -6.98 12.22
C VAL D 85 4.29 -7.70 13.31
N ALA D 86 5.37 -7.08 13.78
CA ALA D 86 6.25 -7.73 14.74
C ALA D 86 5.67 -7.73 16.15
N PRO D 87 6.18 -8.60 17.04
CA PRO D 87 5.70 -8.60 18.42
C PRO D 87 6.05 -7.27 19.08
N ASN D 88 5.41 -7.01 20.20
CA ASN D 88 5.65 -5.77 20.91
C ASN D 88 7.15 -5.55 21.23
N ASN D 89 7.65 -4.35 20.98
CA ASN D 89 9.08 -3.99 21.26
C ASN D 89 10.14 -4.62 20.36
N VAL D 90 9.75 -5.19 19.24
CA VAL D 90 10.72 -5.68 18.26
C VAL D 90 10.98 -4.54 17.28
N GLN D 91 12.24 -4.18 17.11
CA GLN D 91 12.58 -3.15 16.15
C GLN D 91 14.02 -3.20 15.73
N GLY D 92 14.31 -2.58 14.60
CA GLY D 92 15.66 -2.38 14.12
C GLY D 92 15.90 -3.14 12.85
N ALA D 93 17.17 -3.21 12.44
CA ALA D 93 17.57 -3.77 11.16
C ALA D 93 17.18 -5.23 11.07
N ILE D 94 16.66 -5.60 9.92
CA ILE D 94 16.40 -6.99 9.65
C ILE D 94 17.60 -7.69 9.02
N THR D 95 18.07 -8.72 9.70
CA THR D 95 19.00 -9.67 9.12
C THR D 95 18.35 -11.03 8.81
N LEU D 96 18.60 -11.49 7.59
CA LEU D 96 18.05 -12.76 7.14
C LEU D 96 19.07 -13.87 7.35
N ILE D 97 18.63 -15.01 7.88
CA ILE D 97 19.56 -16.10 8.17
C ILE D 97 19.05 -17.47 7.75
N TYR D 98 19.93 -18.27 7.11
CA TYR D 98 19.68 -19.70 6.84
C TYR D 98 19.70 -20.44 8.17
N ASN D 99 18.69 -21.27 8.43
CA ASN D 99 18.60 -21.99 9.68
C ASN D 99 19.42 -23.29 9.70
N ASP D 100 20.53 -23.26 10.45
CA ASP D 100 21.38 -24.43 10.62
C ASP D 100 21.95 -24.38 12.03
N VAL D 101 22.76 -25.38 12.38
CA VAL D 101 23.43 -25.47 13.68
C VAL D 101 24.73 -24.66 13.61
N PRO D 102 25.02 -23.83 14.65
CA PRO D 102 26.25 -23.03 14.63
C PRO D 102 27.48 -23.90 14.45
N GLY D 103 28.42 -23.42 13.64
CA GLY D 103 29.62 -24.18 13.26
C GLY D 103 29.45 -25.14 12.07
N THR D 104 28.22 -25.36 11.62
CA THR D 104 28.03 -26.41 10.62
C THR D 104 27.64 -25.81 9.30
N TYR D 105 27.86 -24.51 9.18
CA TYR D 105 27.46 -23.76 8.00
C TYR D 105 28.43 -23.96 6.83
N GLY D 106 29.64 -24.43 7.14
CA GLY D 106 30.72 -24.50 6.17
C GLY D 106 30.42 -25.39 5.00
N ASN D 107 29.57 -26.39 5.20
CA ASN D 107 29.30 -27.36 4.14
C ASN D 107 27.96 -27.07 3.44
N ASN D 108 27.34 -25.92 3.73
CA ASN D 108 26.02 -25.59 3.18
C ASN D 108 26.14 -25.05 1.77
N SER D 109 25.09 -25.13 0.98
CA SER D 109 25.19 -24.62 -0.38
C SER D 109 23.87 -24.02 -0.87
N GLY D 110 23.94 -23.22 -1.92
CA GLY D 110 22.72 -22.60 -2.46
C GLY D 110 22.35 -21.37 -1.67
N SER D 111 21.19 -20.79 -1.99
CA SER D 111 20.79 -19.50 -1.42
C SER D 111 19.34 -19.23 -1.73
N PHE D 112 18.73 -18.34 -0.97
CA PHE D 112 17.37 -17.89 -1.24
C PHE D 112 17.32 -16.46 -1.73
N SER D 113 16.45 -16.29 -2.71
CA SER D 113 16.14 -15.02 -3.27
C SER D 113 15.04 -14.41 -2.42
N VAL D 114 15.32 -13.21 -1.89
CA VAL D 114 14.32 -12.58 -1.04
C VAL D 114 13.91 -11.14 -1.34
N ASN D 115 12.60 -10.93 -1.36
CA ASN D 115 12.07 -9.58 -1.30
C ASN D 115 11.46 -9.20 0.04
N ILE D 116 11.78 -7.99 0.52
CA ILE D 116 11.05 -7.44 1.64
C ILE D 116 10.57 -6.03 1.33
N GLY D 117 9.34 -5.73 1.68
CA GLY D 117 8.81 -4.38 1.53
C GLY D 117 7.90 -3.98 2.68
N LYS D 118 7.82 -2.68 2.94
CA LYS D 118 6.88 -2.14 3.89
C LYS D 118 5.53 -1.91 3.20
N ASP D 119 4.49 -2.37 3.87
CA ASP D 119 3.13 -2.24 3.40
C ASP D 119 2.51 -0.99 4.00
N GLN D 120 1.36 -0.61 3.42
CA GLN D 120 0.56 0.49 3.86
C GLN D 120 0.17 0.19 5.28
N SER D 121 0.02 1.23 6.10
CA SER D 121 -0.38 1.04 7.48
C SER D 121 -0.98 2.32 8.04
#